data_5FZC
#
_entry.id   5FZC
#
_cell.length_a   143.350
_cell.length_b   143.350
_cell.length_c   154.000
_cell.angle_alpha   90.00
_cell.angle_beta   90.00
_cell.angle_gamma   120.00
#
_symmetry.space_group_name_H-M   'P 65 2 2'
#
loop_
_entity.id
_entity.type
_entity.pdbx_description
1 polymer 'LYSINE-SPECIFIC DEMETHYLASE 5B'
2 non-polymer 'ZINC ION'
3 non-polymer 'DIMETHYL SULFOXIDE'
4 non-polymer 'MANGANESE (II) ION'
5 non-polymer '4-(2-HYDROXYETHYL)-1-PIPERAZINE ETHANESULFONIC ACID'
6 non-polymer 1,2-ETHANEDIOL
7 non-polymer 'benzo[g][1]benzothiole-2-carboxylic acid'
8 non-polymer 'CHLORIDE ION'
9 non-polymer 'PHOSPHATE ION'
10 water water
#
_entity_poly.entity_id   1
_entity_poly.type   'polypeptide(L)'
_entity_poly.pdbx_seq_one_letter_code
;SMFLPPPECPVFEPSWEEFADPFAFIHKIRPIAEQTGICKVRPPPDWQPPFACDVDKLHFTPRIQRLNELEAQTRVKLGG
GGARDYTLRTFGEMADAFKSDYFNMPVHMVPTELVEKEFWRLVSTIEEDVTVEYGADIASKEFGSGFPVRDGKIKLSPEE
EEYLDSGWNLNNMPVMEQSVLAHITADICGMKLPWLYVGMCFSSFCWHIEDHWSYSINYLHWGEPKTWYGVPGYAAEQLE
NVMKKLAPELFVSQPDLLHQLVTIMNPNTLMTHEVPVYRTNQCAGEFVITFPRAYHSGFNQGFNFAEAVNFCTVDWLPLG
RQCVEHYRLLHRYCVFSHDEMICKMASKADVLDVVVASTVQKDMAIMIEDEKALRETVRKLGVIDSERMDFELLPDDERQ
CVKCKTTCFMSAISCSCKPGLLVCLHHVKELCSCPPYKYKLRYRYTLDDLYPMMNALKLRAESYNEWALNVNEALEAKI
;
_entity_poly.pdbx_strand_id   A
#
# COMPACT_ATOMS: atom_id res chain seq x y z
N SER A 1 -26.91 7.91 -19.23
CA SER A 1 -26.45 8.59 -20.42
C SER A 1 -25.08 9.22 -20.20
N MET A 2 -25.01 10.24 -19.36
CA MET A 2 -23.72 10.89 -19.11
C MET A 2 -22.83 10.04 -18.16
N PHE A 3 -23.25 9.81 -16.91
CA PHE A 3 -22.50 8.92 -16.01
C PHE A 3 -23.39 7.78 -15.49
N LEU A 4 -23.00 6.54 -15.78
CA LEU A 4 -23.68 5.38 -15.22
C LEU A 4 -22.88 4.81 -14.07
N PRO A 5 -23.39 4.98 -12.83
CA PRO A 5 -22.63 4.51 -11.68
C PRO A 5 -22.36 3.00 -11.72
N PRO A 6 -21.13 2.59 -11.42
CA PRO A 6 -20.80 1.17 -11.28
C PRO A 6 -21.68 0.52 -10.22
N PRO A 7 -21.83 -0.81 -10.29
CA PRO A 7 -22.56 -1.54 -9.25
C PRO A 7 -21.89 -1.41 -7.89
N GLU A 8 -22.67 -1.57 -6.82
CA GLU A 8 -22.15 -1.43 -5.45
C GLU A 8 -21.22 -2.59 -5.05
N CYS A 9 -20.15 -2.28 -4.31
CA CYS A 9 -19.29 -3.34 -3.76
C CYS A 9 -19.99 -3.98 -2.54
N PRO A 10 -19.48 -5.14 -2.06
CA PRO A 10 -20.04 -5.81 -0.87
C PRO A 10 -19.97 -4.96 0.39
N VAL A 11 -20.96 -5.08 1.26
CA VAL A 11 -21.00 -4.41 2.56
C VAL A 11 -21.22 -5.45 3.66
N PHE A 12 -20.31 -5.51 4.63
CA PHE A 12 -20.40 -6.49 5.70
C PHE A 12 -20.79 -5.80 7.02
N GLU A 13 -21.58 -6.49 7.83
CA GLU A 13 -21.95 -5.99 9.15
C GLU A 13 -21.69 -7.08 10.17
N PRO A 14 -20.43 -7.22 10.61
CA PRO A 14 -20.07 -8.29 11.53
C PRO A 14 -20.68 -8.13 12.93
N SER A 15 -21.01 -9.27 13.56
CA SER A 15 -21.40 -9.27 14.96
C SER A 15 -20.18 -8.98 15.82
N TRP A 16 -20.39 -8.70 17.10
N TRP A 16 -20.41 -8.68 17.10
CA TRP A 16 -19.29 -8.40 18.02
CA TRP A 16 -19.32 -8.43 18.03
C TRP A 16 -18.32 -9.58 18.10
C TRP A 16 -18.33 -9.59 18.05
N GLU A 17 -18.84 -10.80 17.95
CA GLU A 17 -18.02 -11.99 17.95
C GLU A 17 -17.14 -12.09 16.70
N GLU A 18 -17.73 -11.84 15.53
CA GLU A 18 -16.98 -11.84 14.27
C GLU A 18 -15.96 -10.71 14.24
N PHE A 19 -16.34 -9.57 14.80
CA PHE A 19 -15.56 -8.34 14.77
C PHE A 19 -14.30 -8.40 15.62
N ALA A 20 -14.35 -9.15 16.72
CA ALA A 20 -13.26 -9.21 17.71
C ALA A 20 -11.87 -9.39 17.10
N ASP A 21 -11.75 -10.28 16.12
CA ASP A 21 -10.47 -10.51 15.46
C ASP A 21 -10.50 -10.12 13.97
N PRO A 22 -9.88 -8.97 13.64
CA PRO A 22 -9.83 -8.44 12.27
C PRO A 22 -9.23 -9.42 11.26
N PHE A 23 -8.14 -10.08 11.60
CA PHE A 23 -7.48 -10.97 10.65
C PHE A 23 -8.32 -12.20 10.34
N ALA A 24 -9.00 -12.72 11.36
CA ALA A 24 -9.92 -13.84 11.14
C ALA A 24 -11.09 -13.39 10.25
N PHE A 25 -11.60 -12.20 10.53
CA PHE A 25 -12.71 -11.65 9.74
C PHE A 25 -12.32 -11.44 8.27
N ILE A 26 -11.18 -10.79 8.06
CA ILE A 26 -10.71 -10.50 6.71
C ILE A 26 -10.50 -11.79 5.93
N HIS A 27 -9.98 -12.82 6.59
CA HIS A 27 -9.79 -14.10 5.94
C HIS A 27 -11.13 -14.73 5.58
N LYS A 28 -12.14 -14.52 6.42
CA LYS A 28 -13.47 -15.08 6.14
C LYS A 28 -14.12 -14.43 4.91
N ILE A 29 -14.06 -13.11 4.80
CA ILE A 29 -14.74 -12.42 3.69
C ILE A 29 -13.95 -12.44 2.37
N ARG A 30 -12.69 -12.88 2.45
CA ARG A 30 -11.79 -12.83 1.30
C ARG A 30 -12.32 -13.44 -0.02
N PRO A 31 -13.01 -14.59 0.04
CA PRO A 31 -13.48 -15.14 -1.24
C PRO A 31 -14.51 -14.26 -1.96
N ILE A 32 -15.30 -13.49 -1.21
CA ILE A 32 -16.25 -12.53 -1.78
C ILE A 32 -15.53 -11.26 -2.24
N ALA A 33 -14.83 -10.64 -1.29
CA ALA A 33 -14.26 -9.31 -1.50
C ALA A 33 -13.13 -9.28 -2.53
N GLU A 34 -12.38 -10.37 -2.70
CA GLU A 34 -11.29 -10.36 -3.68
C GLU A 34 -11.83 -10.40 -5.11
N GLN A 35 -13.10 -10.76 -5.26
CA GLN A 35 -13.77 -10.69 -6.56
C GLN A 35 -14.12 -9.25 -6.96
N THR A 36 -14.16 -8.36 -5.98
CA THR A 36 -14.54 -6.96 -6.22
C THR A 36 -13.45 -5.95 -5.89
N GLY A 37 -12.37 -6.39 -5.23
CA GLY A 37 -11.23 -5.52 -4.98
C GLY A 37 -11.35 -4.65 -3.75
N ILE A 38 -12.51 -4.03 -3.53
CA ILE A 38 -12.77 -3.29 -2.29
C ILE A 38 -14.05 -3.80 -1.65
N CYS A 39 -14.18 -3.56 -0.35
CA CYS A 39 -15.42 -3.84 0.37
C CYS A 39 -15.55 -2.88 1.53
N LYS A 40 -16.75 -2.75 2.08
CA LYS A 40 -16.99 -1.86 3.19
C LYS A 40 -17.34 -2.66 4.45
N VAL A 41 -16.85 -2.21 5.60
CA VAL A 41 -17.15 -2.91 6.85
C VAL A 41 -17.75 -1.94 7.84
N ARG A 42 -18.96 -2.27 8.28
CA ARG A 42 -19.65 -1.48 9.30
C ARG A 42 -19.46 -2.13 10.66
N PRO A 43 -18.82 -1.44 11.59
CA PRO A 43 -18.63 -2.07 12.90
C PRO A 43 -19.96 -2.21 13.63
N PRO A 44 -20.01 -3.09 14.66
CA PRO A 44 -21.19 -3.20 15.54
C PRO A 44 -21.57 -1.82 16.09
N PRO A 45 -22.88 -1.59 16.29
CA PRO A 45 -23.47 -0.28 16.61
C PRO A 45 -22.79 0.45 17.79
N ASP A 46 -22.38 -0.27 18.81
CA ASP A 46 -21.78 0.37 19.99
C ASP A 46 -20.24 0.50 19.96
N TRP A 47 -19.58 -0.07 18.96
CA TRP A 47 -18.15 0.19 18.76
C TRP A 47 -17.99 1.63 18.28
N GLN A 48 -17.66 2.54 19.19
CA GLN A 48 -17.50 3.95 18.83
C GLN A 48 -16.28 4.54 19.46
N PRO A 49 -15.15 4.51 18.74
CA PRO A 49 -13.92 5.10 19.27
C PRO A 49 -14.13 6.60 19.43
N PRO A 50 -13.74 7.15 20.58
CA PRO A 50 -13.94 8.59 20.81
C PRO A 50 -13.00 9.39 19.93
N PHE A 51 -13.50 10.44 19.30
CA PHE A 51 -12.64 11.35 18.57
C PHE A 51 -12.66 12.73 19.21
N ALA A 52 -11.49 13.25 19.54
CA ALA A 52 -11.36 14.59 20.10
C ALA A 52 -10.04 15.22 19.69
N CYS A 53 -10.10 16.52 19.35
CA CYS A 53 -8.91 17.28 18.99
C CYS A 53 -9.18 18.78 19.01
N ASP A 54 -8.12 19.57 19.19
CA ASP A 54 -8.25 21.02 19.11
C ASP A 54 -8.05 21.45 17.67
N VAL A 55 -9.09 22.03 17.08
CA VAL A 55 -9.05 22.42 15.68
C VAL A 55 -8.12 23.60 15.44
N ASP A 56 -7.68 24.27 16.51
CA ASP A 56 -6.82 25.45 16.37
C ASP A 56 -5.32 25.13 16.52
N LYS A 57 -5.01 23.99 17.12
CA LYS A 57 -3.61 23.65 17.38
C LYS A 57 -3.07 22.62 16.40
N LEU A 58 -3.95 22.01 15.62
CA LEU A 58 -3.51 21.10 14.57
C LEU A 58 -3.26 21.91 13.28
N HIS A 59 -2.02 21.93 12.82
CA HIS A 59 -1.58 22.64 11.59
CA HIS A 59 -1.78 22.58 11.53
C HIS A 59 -1.16 21.62 10.54
N PHE A 60 -1.26 21.98 9.26
CA PHE A 60 -0.67 21.16 8.19
C PHE A 60 -0.50 21.98 6.92
N THR A 61 0.39 21.49 6.06
CA THR A 61 0.66 22.14 4.78
C THR A 61 -0.14 21.43 3.70
N PRO A 62 -0.98 22.19 2.98
CA PRO A 62 -1.88 21.55 2.00
C PRO A 62 -1.20 21.30 0.66
N ARG A 63 -1.62 20.26 -0.04
CA ARG A 63 -1.26 20.07 -1.45
C ARG A 63 -2.33 20.68 -2.35
N ILE A 64 -1.91 21.23 -3.49
CA ILE A 64 -2.85 21.74 -4.49
C ILE A 64 -3.07 20.74 -5.63
N GLN A 65 -4.30 20.69 -6.12
CA GLN A 65 -4.68 19.67 -7.08
C GLN A 65 -5.53 20.25 -8.20
N ARG A 66 -5.08 20.08 -9.44
CA ARG A 66 -5.89 20.42 -10.61
C ARG A 66 -6.77 19.23 -10.97
N LEU A 67 -8.00 19.48 -11.41
CA LEU A 67 -8.91 18.37 -11.66
C LEU A 67 -9.19 18.11 -13.16
N ASN A 68 -8.27 17.41 -13.82
CA ASN A 68 -8.40 17.08 -15.24
C ASN A 68 -8.22 15.59 -15.50
N GLU A 69 -9.15 14.98 -16.22
CA GLU A 69 -9.04 13.57 -16.55
C GLU A 69 -7.78 13.32 -17.40
N LEU A 70 -7.11 12.21 -17.13
CA LEU A 70 -5.94 11.73 -17.90
C LEU A 70 -4.67 12.59 -17.75
N GLU A 71 -4.73 13.67 -16.98
CA GLU A 71 -3.55 14.49 -16.72
C GLU A 71 -2.68 13.88 -15.62
N ALA A 72 -1.36 13.90 -15.82
CA ALA A 72 -0.42 13.30 -14.87
C ALA A 72 -0.37 14.08 -13.55
N GLN A 73 -0.37 13.33 -12.45
CA GLN A 73 -0.08 13.86 -11.12
C GLN A 73 0.98 12.99 -10.46
N THR A 74 1.72 13.54 -9.50
CA THR A 74 2.72 12.74 -8.79
C THR A 74 2.11 12.17 -7.50
N ARG A 75 2.44 10.93 -7.18
N ARG A 75 2.42 10.91 -7.21
CA ARG A 75 1.81 10.21 -6.08
CA ARG A 75 1.85 10.19 -6.07
C ARG A 75 2.05 10.82 -4.69
C ARG A 75 2.05 10.89 -4.73
N VAL A 76 3.30 11.13 -4.38
CA VAL A 76 3.64 11.76 -3.12
C VAL A 76 4.47 13.01 -3.36
N LYS A 77 4.48 13.91 -2.39
CA LYS A 77 5.29 15.13 -2.49
C LYS A 77 5.66 15.63 -1.09
N ASP A 85 -0.10 27.27 4.73
CA ASP A 85 -0.32 26.53 5.97
C ASP A 85 -1.71 26.78 6.59
N TYR A 86 -2.41 25.72 6.95
CA TYR A 86 -3.77 25.79 7.49
C TYR A 86 -3.86 25.21 8.88
N THR A 87 -4.76 25.72 9.73
CA THR A 87 -5.21 24.93 10.87
C THR A 87 -6.40 24.12 10.40
N LEU A 88 -6.77 23.09 11.15
CA LEU A 88 -7.96 22.32 10.84
C LEU A 88 -9.17 23.24 10.73
N ARG A 89 -9.27 24.23 11.60
CA ARG A 89 -10.41 25.15 11.53
C ARG A 89 -10.42 25.99 10.27
N THR A 90 -9.27 26.58 9.92
CA THR A 90 -9.23 27.46 8.74
C THR A 90 -9.38 26.64 7.44
N PHE A 91 -8.86 25.42 7.41
CA PHE A 91 -9.13 24.56 6.27
C PHE A 91 -10.62 24.25 6.16
N GLY A 92 -11.24 23.91 7.29
CA GLY A 92 -12.65 23.62 7.33
C GLY A 92 -13.52 24.78 6.84
N GLU A 93 -13.19 25.98 7.27
CA GLU A 93 -13.89 27.19 6.81
C GLU A 93 -13.75 27.38 5.29
N MET A 94 -12.54 27.17 4.78
CA MET A 94 -12.30 27.29 3.34
C MET A 94 -13.10 26.23 2.60
N ALA A 95 -13.10 25.01 3.12
CA ALA A 95 -13.74 23.88 2.44
C ALA A 95 -15.26 24.03 2.36
N ASP A 96 -15.89 24.44 3.47
CA ASP A 96 -17.34 24.58 3.54
C ASP A 96 -17.83 25.71 2.60
N ALA A 97 -17.12 26.82 2.61
CA ALA A 97 -17.42 27.95 1.72
C ALA A 97 -17.29 27.57 0.25
N PHE A 98 -16.22 26.84 -0.10
CA PHE A 98 -16.04 26.37 -1.48
C PHE A 98 -17.24 25.57 -1.97
N LYS A 99 -17.66 24.57 -1.20
CA LYS A 99 -18.77 23.73 -1.62
C LYS A 99 -20.07 24.54 -1.69
N SER A 100 -20.26 25.39 -0.68
CA SER A 100 -21.47 26.18 -0.53
C SER A 100 -21.65 27.09 -1.75
N ASP A 101 -20.57 27.75 -2.15
CA ASP A 101 -20.59 28.66 -3.30
C ASP A 101 -20.63 27.96 -4.66
N TYR A 102 -20.11 26.75 -4.73
CA TYR A 102 -20.08 26.00 -5.99
C TYR A 102 -21.49 25.58 -6.40
N PHE A 103 -22.32 25.26 -5.41
CA PHE A 103 -23.64 24.74 -5.69
C PHE A 103 -24.76 25.75 -5.35
N ASN A 104 -24.37 26.89 -4.77
CA ASN A 104 -25.32 27.85 -4.17
C ASN A 104 -26.35 27.14 -3.29
N MET A 105 -25.89 26.26 -2.41
CA MET A 105 -26.76 25.51 -1.50
C MET A 105 -26.10 25.37 -0.12
N PRO A 106 -26.88 24.96 0.90
CA PRO A 106 -26.26 24.46 2.14
C PRO A 106 -25.71 23.04 1.95
N VAL A 107 -24.56 22.71 2.53
CA VAL A 107 -23.84 21.46 2.19
C VAL A 107 -24.57 20.12 2.37
N HIS A 108 -25.46 20.04 3.36
CA HIS A 108 -26.14 18.79 3.68
C HIS A 108 -27.34 18.55 2.81
N MET A 109 -27.57 19.50 1.92
CA MET A 109 -28.68 19.39 1.01
C MET A 109 -28.18 18.98 -0.36
N VAL A 110 -26.86 19.07 -0.57
CA VAL A 110 -26.28 18.62 -1.85
C VAL A 110 -26.22 17.10 -1.91
N PRO A 111 -27.11 16.48 -2.71
CA PRO A 111 -27.20 15.02 -2.87
C PRO A 111 -25.88 14.37 -3.32
N THR A 112 -25.56 13.19 -2.80
CA THR A 112 -24.29 12.54 -3.14
C THR A 112 -24.22 12.17 -4.63
N GLU A 113 -25.33 11.73 -5.21
N GLU A 113 -25.35 11.72 -5.17
CA GLU A 113 -25.33 11.35 -6.63
CA GLU A 113 -25.50 11.39 -6.58
C GLU A 113 -25.16 12.56 -7.54
C GLU A 113 -25.13 12.55 -7.48
N LEU A 114 -25.44 13.76 -7.03
CA LEU A 114 -25.19 14.99 -7.80
C LEU A 114 -23.72 15.38 -7.77
N VAL A 115 -23.09 15.31 -6.60
CA VAL A 115 -21.66 15.60 -6.49
C VAL A 115 -20.86 14.63 -7.38
N GLU A 116 -21.25 13.36 -7.41
CA GLU A 116 -20.60 12.35 -8.23
C GLU A 116 -20.73 12.68 -9.72
N LYS A 117 -21.97 12.92 -10.15
CA LYS A 117 -22.27 13.31 -11.54
C LYS A 117 -21.46 14.54 -11.95
N GLU A 118 -21.46 15.53 -11.07
CA GLU A 118 -20.75 16.77 -11.34
C GLU A 118 -19.25 16.63 -11.37
N PHE A 119 -18.72 15.74 -10.52
CA PHE A 119 -17.28 15.49 -10.49
C PHE A 119 -16.83 15.01 -11.86
N TRP A 120 -17.54 14.03 -12.40
CA TRP A 120 -17.12 13.43 -13.67
C TRP A 120 -17.37 14.38 -14.84
N ARG A 121 -18.32 15.30 -14.71
CA ARG A 121 -18.49 16.35 -15.72
C ARG A 121 -17.29 17.29 -15.70
N LEU A 122 -16.93 17.79 -14.53
CA LEU A 122 -15.91 18.82 -14.48
C LEU A 122 -14.49 18.33 -14.83
N VAL A 123 -14.16 17.07 -14.55
CA VAL A 123 -12.80 16.62 -14.86
C VAL A 123 -12.62 16.35 -16.37
N SER A 124 -13.72 16.16 -17.10
CA SER A 124 -13.64 15.82 -18.51
C SER A 124 -13.65 17.07 -19.40
N THR A 125 -13.99 18.21 -18.78
CA THR A 125 -14.22 19.46 -19.50
C THR A 125 -12.98 20.33 -19.48
N ILE A 126 -12.40 20.53 -20.66
CA ILE A 126 -11.14 21.27 -20.82
C ILE A 126 -11.27 22.71 -20.35
N GLU A 127 -12.43 23.31 -20.55
CA GLU A 127 -12.56 24.75 -20.31
C GLU A 127 -12.88 25.09 -18.84
N GLU A 128 -13.11 24.07 -18.02
CA GLU A 128 -13.18 24.25 -16.57
C GLU A 128 -11.80 24.11 -15.94
N ASP A 129 -11.43 25.06 -15.07
CA ASP A 129 -10.16 24.95 -14.35
C ASP A 129 -10.36 25.01 -12.83
N VAL A 130 -11.02 24.00 -12.29
CA VAL A 130 -11.23 23.89 -10.86
C VAL A 130 -9.99 23.35 -10.16
N THR A 131 -9.50 24.07 -9.17
CA THR A 131 -8.43 23.55 -8.33
C THR A 131 -8.91 23.43 -6.88
N VAL A 132 -8.45 22.38 -6.19
CA VAL A 132 -8.81 22.18 -4.79
C VAL A 132 -7.55 21.84 -3.98
N GLU A 133 -7.70 21.76 -2.66
CA GLU A 133 -6.58 21.48 -1.76
C GLU A 133 -6.94 20.35 -0.79
N TYR A 134 -5.91 19.75 -0.20
CA TYR A 134 -6.14 18.63 0.72
C TYR A 134 -4.90 18.37 1.56
N GLY A 135 -5.07 17.60 2.62
CA GLY A 135 -3.95 17.20 3.45
C GLY A 135 -3.69 15.72 3.37
N ALA A 136 -2.40 15.35 3.36
CA ALA A 136 -1.98 13.96 3.43
C ALA A 136 -0.59 13.87 4.07
N ASP A 137 -0.48 13.19 5.21
CA ASP A 137 0.79 13.07 5.96
C ASP A 137 0.75 11.93 6.95
N ILE A 138 1.91 11.37 7.30
CA ILE A 138 1.93 10.35 8.35
C ILE A 138 1.81 11.04 9.69
N ALA A 139 1.37 10.30 10.71
CA ALA A 139 1.18 10.88 12.02
C ALA A 139 2.50 11.44 12.56
N SER A 140 2.43 12.63 13.15
CA SER A 140 3.60 13.27 13.76
C SER A 140 3.16 14.07 14.98
N LYS A 141 4.08 14.84 15.55
CA LYS A 141 3.78 15.62 16.74
C LYS A 141 2.90 16.82 16.44
N GLU A 142 3.00 17.33 15.20
CA GLU A 142 2.18 18.47 14.78
C GLU A 142 0.77 18.01 14.42
N PHE A 143 0.63 16.73 14.09
CA PHE A 143 -0.65 16.16 13.66
C PHE A 143 -0.67 14.65 13.89
N GLY A 144 -1.39 14.20 14.93
CA GLY A 144 -1.31 12.81 15.36
C GLY A 144 -2.50 11.94 15.00
N SER A 145 -2.44 10.67 15.38
CA SER A 145 -3.49 9.71 15.11
C SER A 145 -4.88 10.18 15.60
N GLY A 146 -5.93 9.76 14.91
CA GLY A 146 -7.27 10.01 15.37
C GLY A 146 -7.73 8.94 16.35
N PHE A 147 -7.01 7.82 16.40
CA PHE A 147 -7.30 6.76 17.37
C PHE A 147 -6.51 7.03 18.66
N PRO A 148 -7.01 6.52 19.81
CA PRO A 148 -6.26 6.67 21.07
C PRO A 148 -4.89 5.98 21.03
N VAL A 149 -3.86 6.66 21.53
CA VAL A 149 -2.54 6.06 21.72
C VAL A 149 -2.01 6.33 23.14
N ARG A 150 -1.07 5.51 23.60
CA ARG A 150 -0.52 5.65 24.95
C ARG A 150 0.52 6.77 25.06
N ASP A 151 0.29 7.71 25.97
CA ASP A 151 1.28 8.72 26.36
C ASP A 151 1.05 9.21 27.79
N ILE A 154 -0.04 12.58 28.85
CA ILE A 154 -1.49 12.79 28.85
C ILE A 154 -2.22 11.58 29.45
N LYS A 155 -3.20 11.88 30.31
CA LYS A 155 -4.01 10.85 30.97
C LYS A 155 -5.30 10.58 30.17
N LEU A 156 -5.59 9.30 29.95
CA LEU A 156 -6.73 8.89 29.13
C LEU A 156 -7.96 8.55 29.99
N SER A 157 -9.14 8.84 29.44
CA SER A 157 -10.41 8.45 30.05
C SER A 157 -10.68 6.96 29.83
N PRO A 158 -11.44 6.32 30.74
CA PRO A 158 -11.74 4.88 30.61
C PRO A 158 -12.32 4.48 29.25
N GLU A 159 -13.08 5.36 28.60
CA GLU A 159 -13.58 5.09 27.25
C GLU A 159 -12.46 4.96 26.22
N GLU A 160 -11.47 5.84 26.30
CA GLU A 160 -10.34 5.82 25.38
C GLU A 160 -9.50 4.57 25.57
N GLU A 161 -9.37 4.13 26.82
CA GLU A 161 -8.56 2.95 27.11
C GLU A 161 -9.27 1.67 26.67
N GLU A 162 -10.59 1.72 26.51
CA GLU A 162 -11.32 0.61 25.89
C GLU A 162 -10.84 0.32 24.46
N TYR A 163 -10.34 1.33 23.76
CA TYR A 163 -10.02 1.23 22.34
C TYR A 163 -8.51 1.24 22.11
N LEU A 164 -7.73 1.27 23.19
CA LEU A 164 -6.28 1.35 23.06
C LEU A 164 -5.70 0.13 22.37
N ASP A 165 -6.28 -1.03 22.65
CA ASP A 165 -5.71 -2.26 22.17
C ASP A 165 -6.66 -2.98 21.23
N SER A 166 -7.65 -2.25 20.71
CA SER A 166 -8.49 -2.82 19.67
C SER A 166 -7.65 -3.23 18.47
N GLY A 167 -7.95 -4.37 17.86
CA GLY A 167 -7.33 -4.74 16.62
C GLY A 167 -7.67 -3.77 15.50
N TRP A 168 -8.84 -3.13 15.59
CA TRP A 168 -9.28 -2.18 14.57
C TRP A 168 -8.80 -0.76 14.83
N ASN A 169 -8.12 -0.54 15.95
CA ASN A 169 -7.34 0.68 16.13
C ASN A 169 -6.18 0.60 15.14
N LEU A 170 -6.14 1.48 14.15
CA LEU A 170 -5.21 1.29 13.03
C LEU A 170 -3.72 1.44 13.41
N ASN A 171 -3.43 1.92 14.62
CA ASN A 171 -2.06 1.91 15.13
C ASN A 171 -1.57 0.51 15.50
N ASN A 172 -2.46 -0.34 15.99
CA ASN A 172 -2.11 -1.70 16.39
C ASN A 172 -2.07 -2.70 15.24
N MET A 173 -2.90 -2.46 14.23
CA MET A 173 -3.01 -3.36 13.07
C MET A 173 -1.66 -3.88 12.54
N PRO A 174 -0.67 -2.98 12.33
CA PRO A 174 0.60 -3.49 11.79
C PRO A 174 1.39 -4.44 12.71
N VAL A 175 1.16 -4.40 14.02
CA VAL A 175 1.99 -5.17 14.94
C VAL A 175 1.27 -6.34 15.61
N MET A 176 0.11 -6.72 15.10
CA MET A 176 -0.57 -7.89 15.64
C MET A 176 0.20 -9.16 15.23
N GLU A 177 -0.17 -10.30 15.81
CA GLU A 177 0.59 -11.52 15.63
C GLU A 177 0.34 -12.18 14.26
N GLN A 178 -0.91 -12.19 13.79
CA GLN A 178 -1.22 -12.75 12.48
C GLN A 178 -0.77 -11.84 11.33
N SER A 179 -0.09 -10.75 11.66
CA SER A 179 0.44 -9.84 10.66
C SER A 179 1.88 -10.21 10.29
N VAL A 180 2.32 -9.84 9.08
CA VAL A 180 3.60 -10.30 8.55
C VAL A 180 4.66 -9.18 8.49
N LEU A 181 4.22 -7.96 8.18
CA LEU A 181 5.08 -6.77 8.13
C LEU A 181 5.60 -6.32 9.50
N ALA A 182 5.31 -7.12 10.54
CA ALA A 182 5.54 -6.75 11.93
C ALA A 182 7.01 -6.74 12.32
N HIS A 183 7.62 -7.90 12.23
N HIS A 183 7.63 -7.91 12.29
CA HIS A 183 8.96 -8.13 12.74
CA HIS A 183 8.99 -8.06 12.80
C HIS A 183 10.03 -7.55 11.81
C HIS A 183 10.03 -7.41 11.90
N ILE A 184 9.61 -6.87 10.77
CA ILE A 184 10.53 -6.16 9.88
C ILE A 184 11.27 -5.08 10.66
N THR A 185 12.60 -5.20 10.70
CA THR A 185 13.42 -4.25 11.43
C THR A 185 13.79 -3.06 10.57
N ALA A 186 14.15 -3.34 9.31
CA ALA A 186 14.46 -2.29 8.33
C ALA A 186 13.29 -1.31 8.22
N ASP A 187 13.50 -0.09 8.72
CA ASP A 187 12.41 0.88 8.80
C ASP A 187 11.78 1.13 7.43
N ILE A 188 10.46 1.17 7.42
CA ILE A 188 9.71 1.39 6.20
C ILE A 188 8.53 2.28 6.57
N CYS A 189 8.86 3.44 7.15
CA CYS A 189 7.93 4.38 7.76
C CYS A 189 6.66 4.62 6.95
N GLY A 190 6.81 4.82 5.64
CA GLY A 190 5.67 5.04 4.77
C GLY A 190 4.76 3.84 4.59
N MET A 191 5.01 2.77 5.34
CA MET A 191 4.32 1.49 5.13
C MET A 191 3.91 0.75 6.40
N LYS A 192 4.25 1.30 7.56
CA LYS A 192 3.88 0.66 8.82
C LYS A 192 3.15 1.64 9.73
N LEU A 193 3.27 2.92 9.42
CA LEU A 193 2.61 3.97 10.19
C LEU A 193 1.34 4.40 9.48
N PRO A 194 0.33 4.80 10.25
CA PRO A 194 -0.89 5.38 9.66
C PRO A 194 -0.64 6.71 8.96
N TRP A 195 -1.36 6.91 7.86
CA TRP A 195 -1.42 8.21 7.20
C TRP A 195 -2.74 8.88 7.56
N LEU A 196 -2.71 10.20 7.69
CA LEU A 196 -3.87 11.03 7.98
C LEU A 196 -4.26 11.86 6.76
N TYR A 197 -5.54 11.89 6.43
CA TYR A 197 -6.03 12.60 5.24
C TYR A 197 -7.15 13.59 5.56
N VAL A 198 -6.93 14.88 5.27
CA VAL A 198 -7.97 15.89 5.43
C VAL A 198 -8.57 16.21 4.05
N GLY A 199 -9.84 15.89 3.85
CA GLY A 199 -10.47 16.09 2.53
C GLY A 199 -11.37 17.33 2.40
N MET A 200 -11.67 17.73 1.17
CA MET A 200 -12.71 18.72 0.86
C MET A 200 -13.47 18.29 -0.42
N CYS A 201 -14.57 18.97 -0.75
CA CYS A 201 -15.37 18.61 -1.93
C CYS A 201 -14.49 18.48 -3.20
N PHE A 202 -14.58 17.33 -3.87
CA PHE A 202 -13.87 16.99 -5.12
C PHE A 202 -12.36 16.66 -4.96
N SER A 203 -11.76 16.81 -3.79
CA SER A 203 -10.33 16.43 -3.68
C SER A 203 -10.28 14.94 -3.89
N SER A 204 -9.30 14.46 -4.67
CA SER A 204 -9.37 13.09 -5.11
C SER A 204 -8.08 12.31 -5.01
N PHE A 205 -8.21 11.00 -5.00
CA PHE A 205 -7.05 10.12 -5.05
C PHE A 205 -7.08 9.35 -6.37
N CYS A 206 -5.99 9.46 -7.13
CA CYS A 206 -5.90 8.83 -8.46
C CYS A 206 -5.82 7.31 -8.40
N TRP A 207 -6.05 6.66 -9.55
CA TRP A 207 -5.96 5.21 -9.67
C TRP A 207 -4.57 4.68 -9.26
N HIS A 208 -4.53 3.74 -8.32
CA HIS A 208 -3.24 3.15 -7.92
C HIS A 208 -3.45 1.82 -7.22
N ILE A 209 -2.37 1.07 -7.03
CA ILE A 209 -2.34 -0.09 -6.14
C ILE A 209 -1.28 0.17 -5.06
N GLU A 210 -1.34 -0.58 -3.96
CA GLU A 210 -0.43 -0.35 -2.83
C GLU A 210 0.96 -0.91 -3.12
N ASP A 211 1.97 -0.33 -2.49
CA ASP A 211 3.34 -0.82 -2.62
C ASP A 211 3.43 -2.29 -2.20
N HIS A 212 4.20 -3.06 -2.97
CA HIS A 212 4.36 -4.52 -2.77
C HIS A 212 3.02 -5.27 -2.78
N TRP A 213 2.02 -4.68 -3.44
CA TRP A 213 0.68 -5.27 -3.54
C TRP A 213 0.08 -5.61 -2.17
N SER A 214 0.34 -4.79 -1.17
CA SER A 214 -0.26 -5.05 0.14
C SER A 214 -1.76 -4.75 0.20
N TYR A 215 -2.41 -5.22 1.28
CA TYR A 215 -3.74 -4.72 1.66
C TYR A 215 -3.65 -3.29 2.15
N SER A 216 -4.80 -2.60 2.16
N SER A 216 -4.82 -2.64 2.23
CA SER A 216 -4.92 -1.33 2.89
CA SER A 216 -4.93 -1.34 2.88
C SER A 216 -6.26 -1.31 3.62
C SER A 216 -6.28 -1.25 3.58
N ILE A 217 -6.33 -0.54 4.70
CA ILE A 217 -7.59 -0.37 5.43
C ILE A 217 -7.69 1.11 5.79
N ASN A 218 -8.88 1.68 5.53
N ASN A 218 -8.91 1.63 5.64
CA ASN A 218 -9.16 3.13 5.68
CA ASN A 218 -9.17 3.05 5.70
C ASN A 218 -10.35 3.33 6.61
C ASN A 218 -10.38 3.34 6.59
N TYR A 219 -10.20 4.20 7.59
CA TYR A 219 -11.28 4.53 8.51
C TYR A 219 -11.64 5.99 8.36
N LEU A 220 -12.92 6.27 8.12
CA LEU A 220 -13.37 7.66 8.08
C LEU A 220 -13.83 8.08 9.47
N HIS A 221 -13.04 8.94 10.14
CA HIS A 221 -13.34 9.35 11.51
C HIS A 221 -14.60 10.22 11.61
N TRP A 222 -14.69 11.24 10.75
CA TRP A 222 -15.85 12.13 10.72
C TRP A 222 -15.93 12.94 9.43
N GLY A 223 -17.10 13.54 9.19
CA GLY A 223 -17.32 14.46 8.07
C GLY A 223 -18.19 13.86 6.98
N GLU A 224 -18.17 14.51 5.82
CA GLU A 224 -19.00 14.06 4.70
C GLU A 224 -18.37 12.83 4.03
N PRO A 225 -19.18 12.06 3.26
CA PRO A 225 -18.67 10.77 2.78
C PRO A 225 -17.50 10.84 1.81
N LYS A 226 -16.85 9.68 1.63
CA LYS A 226 -15.78 9.50 0.65
C LYS A 226 -16.27 8.50 -0.39
N THR A 227 -16.23 8.89 -1.67
CA THR A 227 -16.71 7.99 -2.72
C THR A 227 -15.54 7.15 -3.31
N TRP A 228 -15.71 5.83 -3.40
CA TRP A 228 -14.65 4.93 -3.86
C TRP A 228 -15.01 4.18 -5.14
N TYR A 229 -14.01 3.94 -6.01
CA TYR A 229 -14.13 2.96 -7.09
C TYR A 229 -13.02 1.92 -6.97
N GLY A 230 -13.35 0.66 -7.24
CA GLY A 230 -12.39 -0.44 -7.09
C GLY A 230 -12.47 -1.48 -8.18
N VAL A 231 -11.31 -2.09 -8.47
CA VAL A 231 -11.18 -3.13 -9.48
C VAL A 231 -10.53 -4.37 -8.84
N PRO A 232 -11.05 -5.58 -9.09
CA PRO A 232 -10.45 -6.74 -8.42
C PRO A 232 -9.03 -7.06 -8.91
N GLY A 233 -8.23 -7.69 -8.05
CA GLY A 233 -6.86 -8.02 -8.38
C GLY A 233 -6.64 -8.76 -9.69
N TYR A 234 -7.54 -9.64 -10.05
CA TYR A 234 -7.36 -10.43 -11.24
C TYR A 234 -7.42 -9.60 -12.52
N ALA A 235 -7.93 -8.37 -12.42
CA ALA A 235 -8.09 -7.51 -13.60
C ALA A 235 -7.06 -6.40 -13.68
N ALA A 236 -6.05 -6.45 -12.80
CA ALA A 236 -5.02 -5.40 -12.77
C ALA A 236 -4.37 -5.13 -14.14
N GLU A 237 -4.02 -6.18 -14.86
CA GLU A 237 -3.32 -5.96 -16.14
C GLU A 237 -4.26 -5.46 -17.26
N GLN A 238 -5.54 -5.87 -17.23
CA GLN A 238 -6.51 -5.30 -18.17
C GLN A 238 -6.58 -3.80 -18.00
N LEU A 239 -6.68 -3.35 -16.75
CA LEU A 239 -6.78 -1.91 -16.46
C LEU A 239 -5.56 -1.19 -16.97
N GLU A 240 -4.39 -1.76 -16.72
CA GLU A 240 -3.15 -1.10 -17.13
C GLU A 240 -3.05 -0.97 -18.64
N ASN A 241 -3.49 -2.00 -19.37
CA ASN A 241 -3.51 -1.91 -20.82
C ASN A 241 -4.46 -0.83 -21.32
N VAL A 242 -5.65 -0.71 -20.72
CA VAL A 242 -6.57 0.36 -21.11
C VAL A 242 -5.89 1.72 -20.86
N MET A 243 -5.26 1.87 -19.70
CA MET A 243 -4.62 3.14 -19.33
C MET A 243 -3.45 3.49 -20.25
N LYS A 244 -2.66 2.48 -20.60
CA LYS A 244 -1.49 2.66 -21.46
C LYS A 244 -1.90 3.21 -22.82
N LYS A 245 -2.99 2.69 -23.36
CA LYS A 245 -3.49 3.16 -24.64
C LYS A 245 -3.93 4.63 -24.59
N LEU A 246 -4.63 5.01 -23.53
CA LEU A 246 -5.20 6.36 -23.45
C LEU A 246 -4.26 7.42 -22.88
N ALA A 247 -3.20 7.01 -22.18
CA ALA A 247 -2.25 7.98 -21.59
C ALA A 247 -0.85 7.39 -21.39
N PRO A 248 -0.11 7.18 -22.48
CA PRO A 248 1.20 6.51 -22.46
C PRO A 248 2.26 7.19 -21.60
N GLU A 249 2.17 8.51 -21.46
CA GLU A 249 3.12 9.29 -20.67
C GLU A 249 3.25 8.79 -19.23
N LEU A 250 2.16 8.26 -18.68
CA LEU A 250 2.17 7.73 -17.32
C LEU A 250 3.05 6.50 -17.17
N PHE A 251 3.47 5.93 -18.30
CA PHE A 251 4.13 4.62 -18.26
C PHE A 251 5.63 4.65 -18.59
N VAL A 252 6.18 5.84 -18.79
CA VAL A 252 7.62 5.97 -19.00
C VAL A 252 8.37 5.63 -17.69
N SER A 253 9.63 5.24 -17.81
CA SER A 253 10.40 4.80 -16.65
C SER A 253 10.67 5.97 -15.70
N GLN A 254 10.66 5.69 -14.40
CA GLN A 254 10.87 6.73 -13.40
C GLN A 254 12.14 6.49 -12.56
N PRO A 255 12.87 7.57 -12.25
CA PRO A 255 14.17 7.52 -11.56
C PRO A 255 14.11 7.08 -10.10
N ASP A 256 12.94 7.16 -9.46
CA ASP A 256 12.79 6.70 -8.07
C ASP A 256 11.34 6.53 -7.63
N LEU A 257 11.17 6.20 -6.36
CA LEU A 257 9.85 5.96 -5.77
C LEU A 257 9.04 7.25 -5.67
N LEU A 258 9.74 8.38 -5.58
CA LEU A 258 9.09 9.67 -5.39
C LEU A 258 8.72 10.33 -6.72
N HIS A 259 8.68 9.54 -7.79
CA HIS A 259 8.38 10.06 -9.10
C HIS A 259 7.29 9.26 -9.82
N GLN A 260 6.54 8.49 -9.05
CA GLN A 260 5.41 7.72 -9.60
C GLN A 260 4.34 8.64 -10.17
N LEU A 261 3.88 8.35 -11.38
CA LEU A 261 2.87 9.17 -12.03
C LEU A 261 1.51 8.47 -12.01
N VAL A 262 0.46 9.20 -11.65
CA VAL A 262 -0.88 8.63 -11.57
C VAL A 262 -1.90 9.59 -12.20
N THR A 263 -3.13 9.11 -12.41
CA THR A 263 -4.17 9.92 -13.04
C THR A 263 -5.63 9.61 -12.65
N ILE A 264 -6.48 10.62 -12.82
CA ILE A 264 -7.94 10.48 -12.78
C ILE A 264 -8.48 9.85 -14.06
N MET A 265 -9.34 8.84 -13.96
CA MET A 265 -9.97 8.28 -15.16
C MET A 265 -11.38 7.76 -14.88
N ASN A 266 -12.33 8.14 -15.74
CA ASN A 266 -13.74 7.76 -15.58
C ASN A 266 -13.95 6.25 -15.56
N PRO A 267 -14.58 5.72 -14.50
CA PRO A 267 -14.85 4.26 -14.45
C PRO A 267 -15.66 3.74 -15.64
N ASN A 268 -16.50 4.59 -16.25
CA ASN A 268 -17.28 4.17 -17.43
C ASN A 268 -16.35 3.83 -18.61
N THR A 269 -15.23 4.52 -18.71
CA THR A 269 -14.23 4.17 -19.71
C THR A 269 -13.71 2.75 -19.51
N LEU A 270 -13.42 2.38 -18.26
CA LEU A 270 -12.99 1.03 -17.95
C LEU A 270 -14.07 -0.01 -18.25
N MET A 271 -15.30 0.29 -17.83
CA MET A 271 -16.43 -0.63 -18.03
C MET A 271 -16.72 -0.88 -19.51
N THR A 272 -16.51 0.15 -20.33
CA THR A 272 -16.62 0.02 -21.79
C THR A 272 -15.59 -0.97 -22.34
N HIS A 273 -14.42 -1.04 -21.71
CA HIS A 273 -13.40 -1.98 -22.19
C HIS A 273 -13.43 -3.29 -21.43
N GLU A 274 -14.57 -3.60 -20.80
CA GLU A 274 -14.79 -4.87 -20.11
C GLU A 274 -13.93 -5.11 -18.87
N VAL A 275 -13.52 -4.04 -18.22
CA VAL A 275 -12.90 -4.13 -16.90
C VAL A 275 -13.95 -3.98 -15.81
N PRO A 276 -14.09 -4.98 -14.93
CA PRO A 276 -15.07 -4.90 -13.83
C PRO A 276 -14.72 -3.82 -12.79
N VAL A 277 -15.69 -2.96 -12.48
CA VAL A 277 -15.50 -1.86 -11.53
C VAL A 277 -16.65 -1.82 -10.53
N TYR A 278 -16.37 -1.55 -9.25
CA TYR A 278 -17.41 -1.40 -8.22
C TYR A 278 -17.28 -0.06 -7.51
N ARG A 279 -18.35 0.38 -6.84
CA ARG A 279 -18.34 1.68 -6.17
C ARG A 279 -18.84 1.56 -4.73
N THR A 280 -18.56 2.56 -3.91
CA THR A 280 -19.23 2.68 -2.62
C THR A 280 -19.10 4.11 -2.08
N ASN A 281 -20.08 4.55 -1.29
CA ASN A 281 -19.92 5.74 -0.47
C ASN A 281 -19.58 5.29 0.94
N GLN A 282 -18.41 5.66 1.41
CA GLN A 282 -18.00 5.36 2.78
C GLN A 282 -18.42 6.51 3.68
N CYS A 283 -19.26 6.25 4.68
CA CYS A 283 -19.64 7.30 5.63
C CYS A 283 -18.83 7.26 6.92
N ALA A 284 -18.92 8.34 7.71
CA ALA A 284 -18.22 8.43 8.98
C ALA A 284 -18.53 7.21 9.87
N GLY A 285 -17.48 6.62 10.46
CA GLY A 285 -17.62 5.41 11.28
C GLY A 285 -17.52 4.10 10.50
N GLU A 286 -17.28 4.18 9.19
CA GLU A 286 -17.16 2.95 8.41
C GLU A 286 -15.72 2.68 7.91
N PHE A 287 -15.42 1.41 7.68
CA PHE A 287 -14.12 0.97 7.14
C PHE A 287 -14.25 0.59 5.68
N VAL A 288 -13.24 0.95 4.87
CA VAL A 288 -13.06 0.35 3.54
C VAL A 288 -11.75 -0.46 3.52
N ILE A 289 -11.80 -1.67 2.97
CA ILE A 289 -10.61 -2.52 2.85
C ILE A 289 -10.30 -2.77 1.38
N THR A 290 -9.04 -2.58 0.98
CA THR A 290 -8.63 -2.93 -0.37
C THR A 290 -7.72 -4.16 -0.35
N PHE A 291 -7.90 -5.04 -1.34
CA PHE A 291 -7.19 -6.33 -1.40
C PHE A 291 -5.95 -6.28 -2.31
N PRO A 292 -5.06 -7.29 -2.23
CA PRO A 292 -3.80 -7.20 -3.01
C PRO A 292 -3.95 -6.99 -4.52
N ARG A 293 -3.23 -6.01 -5.06
N ARG A 293 -3.21 -6.01 -5.05
CA ARG A 293 -3.23 -5.71 -6.49
CA ARG A 293 -3.21 -5.66 -6.47
C ARG A 293 -4.66 -5.33 -6.97
C ARG A 293 -4.55 -5.13 -6.99
N ALA A 294 -5.45 -4.73 -6.08
CA ALA A 294 -6.76 -4.16 -6.46
C ALA A 294 -6.64 -2.65 -6.72
N TYR A 295 -6.81 -2.24 -7.97
CA TYR A 295 -6.77 -0.82 -8.30
C TYR A 295 -7.93 -0.06 -7.64
N HIS A 296 -7.69 1.15 -7.17
CA HIS A 296 -8.78 1.94 -6.58
C HIS A 296 -8.52 3.42 -6.74
N SER A 297 -9.60 4.20 -6.75
CA SER A 297 -9.55 5.66 -6.80
C SER A 297 -10.85 6.25 -6.21
N GLY A 298 -10.91 7.57 -6.11
CA GLY A 298 -12.14 8.18 -5.62
C GLY A 298 -12.02 9.65 -5.31
N PHE A 299 -12.98 10.19 -4.58
CA PHE A 299 -12.98 11.62 -4.27
C PHE A 299 -13.84 11.87 -3.03
N ASN A 300 -13.57 12.98 -2.34
CA ASN A 300 -14.34 13.35 -1.17
C ASN A 300 -15.57 14.19 -1.54
N GLN A 301 -16.68 13.95 -0.84
CA GLN A 301 -17.92 14.69 -1.00
C GLN A 301 -17.91 16.05 -0.31
N GLY A 302 -17.01 16.24 0.64
CA GLY A 302 -16.97 17.46 1.43
C GLY A 302 -15.85 17.36 2.47
N PHE A 303 -15.82 18.31 3.40
CA PHE A 303 -14.83 18.37 4.49
C PHE A 303 -14.89 17.07 5.32
N ASN A 304 -13.76 16.37 5.43
CA ASN A 304 -13.74 15.15 6.23
C ASN A 304 -12.32 14.78 6.70
N PHE A 305 -12.22 13.70 7.48
CA PHE A 305 -10.96 13.33 8.15
C PHE A 305 -10.85 11.82 8.22
N ALA A 306 -9.83 11.28 7.54
CA ALA A 306 -9.69 9.85 7.44
C ALA A 306 -8.28 9.43 7.86
N GLU A 307 -8.14 8.14 8.13
CA GLU A 307 -6.87 7.56 8.58
C GLU A 307 -6.73 6.19 7.94
N ALA A 308 -5.55 5.87 7.43
CA ALA A 308 -5.37 4.63 6.69
C ALA A 308 -3.99 3.99 6.93
N VAL A 309 -3.89 2.68 6.72
CA VAL A 309 -2.61 1.99 6.91
C VAL A 309 -2.52 0.76 6.02
N ASN A 310 -1.30 0.42 5.60
CA ASN A 310 -1.03 -0.78 4.82
C ASN A 310 -0.89 -1.98 5.73
N PHE A 311 -1.17 -3.19 5.25
CA PHE A 311 -0.84 -4.37 6.04
C PHE A 311 -0.74 -5.63 5.18
N CYS A 312 -0.17 -6.66 5.77
CA CYS A 312 0.12 -7.90 5.03
C CYS A 312 -0.18 -9.09 5.91
N THR A 313 -1.04 -9.98 5.41
CA THR A 313 -1.40 -11.21 6.12
C THR A 313 -0.63 -12.38 5.51
N VAL A 314 -0.85 -13.59 6.03
CA VAL A 314 -0.18 -14.78 5.51
C VAL A 314 -0.67 -15.13 4.10
N ASP A 315 -1.93 -14.83 3.83
CA ASP A 315 -2.49 -15.02 2.49
C ASP A 315 -1.68 -14.25 1.44
N TRP A 316 -1.12 -13.11 1.84
CA TRP A 316 -0.42 -12.22 0.92
C TRP A 316 1.00 -12.70 0.54
N LEU A 317 1.63 -13.51 1.38
CA LEU A 317 3.07 -13.84 1.19
C LEU A 317 3.46 -14.28 -0.23
N PRO A 318 2.72 -15.23 -0.83
CA PRO A 318 3.09 -15.60 -2.21
C PRO A 318 2.96 -14.45 -3.23
N LEU A 319 1.96 -13.59 -3.05
CA LEU A 319 1.79 -12.44 -3.94
C LEU A 319 2.90 -11.44 -3.77
N GLY A 320 3.37 -11.29 -2.53
CA GLY A 320 4.51 -10.43 -2.27
C GLY A 320 5.74 -10.87 -3.07
N ARG A 321 5.98 -12.19 -3.14
CA ARG A 321 7.11 -12.70 -3.95
C ARG A 321 6.87 -12.39 -5.44
N GLN A 322 5.65 -12.63 -5.91
N GLN A 322 5.65 -12.64 -5.92
CA GLN A 322 5.31 -12.36 -7.30
CA GLN A 322 5.32 -12.34 -7.31
C GLN A 322 5.42 -10.86 -7.63
C GLN A 322 5.48 -10.85 -7.62
N CYS A 323 5.12 -10.00 -6.65
CA CYS A 323 5.25 -8.57 -6.87
C CYS A 323 6.70 -8.15 -7.10
N VAL A 324 7.63 -8.71 -6.35
CA VAL A 324 9.03 -8.28 -6.48
C VAL A 324 9.58 -8.73 -7.84
N GLU A 325 9.18 -9.92 -8.27
CA GLU A 325 9.46 -10.38 -9.62
C GLU A 325 8.91 -9.42 -10.68
N HIS A 326 7.67 -8.99 -10.51
CA HIS A 326 7.07 -8.01 -11.43
C HIS A 326 7.81 -6.68 -11.39
N TYR A 327 8.24 -6.23 -10.20
CA TYR A 327 9.05 -5.01 -10.13
C TYR A 327 10.36 -5.15 -10.92
N ARG A 328 10.93 -6.36 -10.91
N ARG A 328 10.91 -6.37 -10.90
CA ARG A 328 12.20 -6.58 -11.61
CA ARG A 328 12.15 -6.67 -11.59
C ARG A 328 12.00 -6.42 -13.13
C ARG A 328 12.00 -6.45 -13.10
N LEU A 329 10.96 -7.04 -13.67
CA LEU A 329 10.65 -6.89 -15.10
C LEU A 329 10.44 -5.44 -15.53
N LEU A 330 9.93 -4.62 -14.63
CA LEU A 330 9.63 -3.21 -14.92
C LEU A 330 10.75 -2.27 -14.53
N HIS A 331 11.80 -2.80 -13.89
CA HIS A 331 12.85 -1.97 -13.33
C HIS A 331 12.31 -0.97 -12.29
N ARG A 332 11.33 -1.38 -11.49
CA ARG A 332 10.78 -0.52 -10.43
C ARG A 332 11.51 -0.74 -9.09
N TYR A 333 11.79 0.35 -8.36
CA TYR A 333 12.38 0.26 -7.03
C TYR A 333 11.47 -0.42 -6.00
N CYS A 334 12.08 -1.17 -5.08
CA CYS A 334 11.39 -1.83 -3.97
C CYS A 334 11.36 -0.92 -2.74
N VAL A 335 10.34 -1.06 -1.89
CA VAL A 335 10.36 -0.39 -0.60
C VAL A 335 11.24 -1.18 0.40
N PHE A 336 11.18 -2.51 0.33
CA PHE A 336 12.02 -3.35 1.19
C PHE A 336 12.37 -4.65 0.45
N SER A 337 13.30 -5.41 1.02
CA SER A 337 13.64 -6.73 0.48
C SER A 337 12.72 -7.79 1.05
N HIS A 338 11.94 -8.44 0.19
CA HIS A 338 11.07 -9.54 0.58
C HIS A 338 11.87 -10.73 1.18
N ASP A 339 12.96 -11.13 0.51
CA ASP A 339 13.77 -12.25 1.05
C ASP A 339 14.35 -11.91 2.42
N GLU A 340 14.75 -10.66 2.64
CA GLU A 340 15.27 -10.24 3.93
C GLU A 340 14.20 -10.38 5.02
N MET A 341 12.97 -10.02 4.70
CA MET A 341 11.88 -10.18 5.66
C MET A 341 11.62 -11.67 6.01
N ILE A 342 11.66 -12.53 4.99
CA ILE A 342 11.45 -13.97 5.17
C ILE A 342 12.54 -14.55 6.11
N CYS A 343 13.79 -14.19 5.89
CA CYS A 343 14.89 -14.73 6.68
C CYS A 343 14.88 -14.15 8.10
N LYS A 344 14.44 -12.91 8.25
CA LYS A 344 14.31 -12.32 9.58
C LYS A 344 13.28 -13.13 10.38
N MET A 345 12.16 -13.47 9.75
CA MET A 345 11.14 -14.26 10.45
C MET A 345 11.64 -15.68 10.80
N ALA A 346 12.32 -16.34 9.86
CA ALA A 346 12.96 -17.63 10.14
C ALA A 346 13.90 -17.57 11.35
N SER A 347 14.67 -16.49 11.45
CA SER A 347 15.57 -16.32 12.60
C SER A 347 14.83 -16.09 13.92
N LYS A 348 13.51 -15.87 13.86
CA LYS A 348 12.70 -15.69 15.07
C LYS A 348 11.65 -16.79 15.18
N ALA A 349 11.92 -17.95 14.59
CA ALA A 349 10.93 -19.00 14.43
C ALA A 349 10.24 -19.41 15.74
N ASP A 350 10.97 -19.38 16.85
CA ASP A 350 10.40 -19.84 18.13
C ASP A 350 9.28 -18.94 18.71
N VAL A 351 9.26 -17.67 18.34
CA VAL A 351 8.21 -16.77 18.87
C VAL A 351 7.10 -16.51 17.86
N LEU A 352 7.23 -17.06 16.65
CA LEU A 352 6.20 -16.86 15.63
C LEU A 352 4.93 -17.59 15.99
N ASP A 353 3.81 -17.01 15.59
CA ASP A 353 2.53 -17.69 15.59
C ASP A 353 2.67 -18.93 14.72
N VAL A 354 1.95 -20.01 15.05
CA VAL A 354 2.19 -21.28 14.37
C VAL A 354 1.67 -21.33 12.92
N VAL A 355 0.63 -20.54 12.62
CA VAL A 355 0.13 -20.52 11.25
C VAL A 355 1.07 -19.71 10.38
N VAL A 356 1.60 -18.64 10.96
CA VAL A 356 2.61 -17.83 10.31
C VAL A 356 3.85 -18.68 9.97
N ALA A 357 4.36 -19.40 10.96
CA ALA A 357 5.54 -20.25 10.80
C ALA A 357 5.36 -21.20 9.64
N SER A 358 4.18 -21.83 9.59
CA SER A 358 3.85 -22.74 8.50
C SER A 358 3.85 -22.10 7.10
N THR A 359 3.31 -20.90 7.00
CA THR A 359 3.23 -20.20 5.72
C THR A 359 4.60 -19.65 5.28
N VAL A 360 5.38 -19.16 6.25
CA VAL A 360 6.72 -18.69 5.94
C VAL A 360 7.59 -19.85 5.44
N GLN A 361 7.39 -21.03 6.01
CA GLN A 361 8.19 -22.18 5.63
C GLN A 361 8.01 -22.52 4.15
N LYS A 362 6.78 -22.44 3.67
CA LYS A 362 6.50 -22.72 2.26
C LYS A 362 7.15 -21.69 1.32
N ASP A 363 7.14 -20.41 1.69
CA ASP A 363 7.77 -19.38 0.86
C ASP A 363 9.30 -19.54 0.87
N MET A 364 9.85 -19.89 2.04
CA MET A 364 11.30 -20.10 2.16
C MET A 364 11.77 -21.24 1.28
N ALA A 365 10.97 -22.29 1.19
CA ALA A 365 11.30 -23.45 0.36
C ALA A 365 11.42 -23.06 -1.10
N ILE A 366 10.52 -22.19 -1.57
CA ILE A 366 10.60 -21.69 -2.94
C ILE A 366 11.83 -20.80 -3.12
N MET A 367 12.07 -19.92 -2.16
CA MET A 367 13.22 -19.02 -2.20
C MET A 367 14.52 -19.82 -2.37
N ILE A 368 14.62 -20.91 -1.61
CA ILE A 368 15.85 -21.67 -1.60
C ILE A 368 16.03 -22.41 -2.91
N GLU A 369 14.96 -23.04 -3.40
CA GLU A 369 15.02 -23.69 -4.70
C GLU A 369 15.41 -22.72 -5.82
N ASP A 370 14.85 -21.51 -5.85
CA ASP A 370 15.22 -20.56 -6.88
C ASP A 370 16.69 -20.12 -6.75
N GLU A 371 17.15 -19.94 -5.51
CA GLU A 371 18.50 -19.44 -5.26
C GLU A 371 19.52 -20.49 -5.65
N LYS A 372 19.21 -21.75 -5.37
CA LYS A 372 20.06 -22.85 -5.80
C LYS A 372 20.29 -22.83 -7.31
N ALA A 373 19.21 -22.65 -8.06
CA ALA A 373 19.29 -22.66 -9.52
C ALA A 373 20.03 -21.45 -10.08
N LEU A 374 19.85 -20.28 -9.46
CA LEU A 374 20.54 -19.06 -9.90
C LEU A 374 22.05 -19.15 -9.68
N ARG A 375 22.46 -19.70 -8.54
CA ARG A 375 23.89 -19.84 -8.24
C ARG A 375 24.56 -20.86 -9.19
N GLU A 376 23.85 -21.92 -9.54
CA GLU A 376 24.38 -22.89 -10.51
C GLU A 376 24.59 -22.23 -11.87
N THR A 377 23.64 -21.40 -12.29
CA THR A 377 23.77 -20.66 -13.54
C THR A 377 24.95 -19.68 -13.57
N VAL A 378 25.20 -18.94 -12.51
CA VAL A 378 26.28 -17.95 -12.62
C VAL A 378 27.64 -18.65 -12.48
N ARG A 379 27.69 -19.79 -11.78
CA ARG A 379 28.93 -20.60 -11.77
C ARG A 379 29.30 -21.05 -13.19
N LYS A 380 28.29 -21.41 -13.98
CA LYS A 380 28.52 -21.88 -15.35
C LYS A 380 28.90 -20.75 -16.28
N LEU A 381 28.74 -19.50 -15.82
CA LEU A 381 29.18 -18.35 -16.61
C LEU A 381 30.63 -18.02 -16.31
N GLY A 382 31.20 -18.71 -15.32
CA GLY A 382 32.60 -18.53 -15.03
C GLY A 382 32.88 -17.61 -13.85
N VAL A 383 31.86 -17.36 -13.03
CA VAL A 383 32.10 -16.68 -11.76
C VAL A 383 32.52 -17.71 -10.73
N ILE A 384 33.75 -17.60 -10.22
CA ILE A 384 34.30 -18.64 -9.35
C ILE A 384 34.52 -18.17 -7.92
N ASP A 385 35.15 -17.02 -7.78
CA ASP A 385 35.42 -16.49 -6.46
C ASP A 385 34.13 -16.06 -5.75
N SER A 386 34.12 -16.14 -4.43
CA SER A 386 32.94 -15.74 -3.67
C SER A 386 33.33 -15.31 -2.26
N GLU A 387 32.47 -14.51 -1.63
CA GLU A 387 32.67 -14.06 -0.25
C GLU A 387 31.32 -13.76 0.42
N ARG A 388 31.16 -14.15 1.68
CA ARG A 388 29.95 -13.83 2.43
C ARG A 388 29.80 -12.32 2.63
N MET A 389 28.57 -11.82 2.65
CA MET A 389 28.34 -10.38 2.82
C MET A 389 27.04 -10.11 3.54
N ASP A 390 27.07 -9.27 4.59
CA ASP A 390 25.86 -8.92 5.35
C ASP A 390 25.06 -7.78 4.69
N PHE A 391 24.31 -8.12 3.65
CA PHE A 391 23.57 -7.14 2.86
C PHE A 391 22.66 -6.24 3.71
N GLU A 392 22.09 -6.79 4.77
CA GLU A 392 21.11 -6.02 5.55
C GLU A 392 21.73 -4.78 6.22
N LEU A 393 23.06 -4.75 6.32
CA LEU A 393 23.77 -3.59 6.88
C LEU A 393 23.96 -2.42 5.90
N LEU A 394 23.85 -2.69 4.60
CA LEU A 394 24.01 -1.63 3.59
C LEU A 394 22.73 -0.83 3.45
N PRO A 395 22.86 0.51 3.38
CA PRO A 395 21.73 1.37 3.01
C PRO A 395 21.17 0.91 1.67
N ASP A 396 19.86 1.02 1.49
CA ASP A 396 19.21 0.51 0.28
C ASP A 396 19.83 1.02 -1.03
N ASP A 397 20.21 2.30 -1.07
CA ASP A 397 20.76 2.86 -2.29
C ASP A 397 22.14 2.29 -2.63
N GLU A 398 22.73 1.53 -1.70
CA GLU A 398 24.02 0.90 -1.96
C GLU A 398 23.89 -0.60 -2.29
N ARG A 399 22.67 -1.12 -2.39
CA ARG A 399 22.50 -2.52 -2.81
C ARG A 399 21.37 -2.74 -3.81
N GLN A 400 21.17 -1.79 -4.71
CA GLN A 400 20.25 -2.00 -5.83
C GLN A 400 21.00 -2.44 -7.09
N CYS A 401 20.44 -3.44 -7.78
CA CYS A 401 20.96 -3.89 -9.06
C CYS A 401 21.05 -2.74 -10.07
N VAL A 402 22.23 -2.58 -10.66
CA VAL A 402 22.50 -1.54 -11.65
C VAL A 402 21.47 -1.53 -12.79
N LYS A 403 21.04 -2.71 -13.18
CA LYS A 403 20.12 -2.90 -14.30
C LYS A 403 18.64 -2.81 -13.91
N CYS A 404 18.19 -3.66 -12.97
CA CYS A 404 16.75 -3.77 -12.72
C CYS A 404 16.27 -3.09 -11.43
N LYS A 405 17.21 -2.52 -10.68
CA LYS A 405 16.96 -1.75 -9.44
C LYS A 405 16.45 -2.57 -8.24
N THR A 406 16.40 -3.90 -8.34
CA THR A 406 15.90 -4.70 -7.23
C THR A 406 16.83 -4.55 -6.02
N THR A 407 16.28 -4.67 -4.82
CA THR A 407 17.10 -4.58 -3.61
C THR A 407 17.70 -5.94 -3.32
N CYS A 408 19.03 -6.04 -3.36
CA CYS A 408 19.70 -7.33 -3.15
C CYS A 408 19.72 -7.78 -1.68
N PHE A 409 19.65 -9.09 -1.44
CA PHE A 409 19.82 -9.62 -0.10
C PHE A 409 20.45 -11.01 -0.10
N MET A 410 19.86 -11.94 -0.85
CA MET A 410 20.38 -13.33 -0.86
C MET A 410 21.77 -13.38 -1.51
N SER A 411 21.93 -12.66 -2.62
CA SER A 411 23.21 -12.63 -3.34
C SER A 411 23.29 -11.54 -4.42
N ALA A 412 24.51 -11.25 -4.85
CA ALA A 412 24.79 -10.28 -5.89
C ALA A 412 26.19 -10.51 -6.47
N ILE A 413 26.47 -9.89 -7.62
CA ILE A 413 27.78 -9.92 -8.26
C ILE A 413 28.47 -8.55 -8.19
N SER A 414 29.75 -8.55 -7.80
CA SER A 414 30.53 -7.32 -7.80
C SER A 414 31.81 -7.50 -8.63
N CYS A 415 32.46 -6.40 -8.96
CA CYS A 415 33.76 -6.43 -9.63
C CYS A 415 34.65 -5.30 -9.11
N SER A 416 35.90 -5.62 -8.78
CA SER A 416 36.87 -4.62 -8.29
C SER A 416 37.03 -3.46 -9.29
N CYS A 417 36.84 -3.75 -10.58
CA CYS A 417 36.78 -2.72 -11.60
C CYS A 417 35.78 -1.57 -11.36
N LYS A 418 34.62 -1.87 -10.79
CA LYS A 418 33.60 -0.84 -10.52
C LYS A 418 33.19 -0.81 -9.04
N PRO A 419 34.00 -0.15 -8.19
CA PRO A 419 33.83 -0.26 -6.73
C PRO A 419 32.44 0.16 -6.27
N GLY A 420 31.79 -0.68 -5.48
CA GLY A 420 30.51 -0.31 -4.90
C GLY A 420 29.29 -0.71 -5.73
N LEU A 421 29.48 -1.00 -7.02
CA LEU A 421 28.36 -1.40 -7.87
C LEU A 421 28.02 -2.89 -7.77
N LEU A 422 26.74 -3.22 -7.93
CA LEU A 422 26.24 -4.57 -7.82
C LEU A 422 25.19 -4.85 -8.90
N VAL A 423 25.11 -6.13 -9.30
CA VAL A 423 23.97 -6.62 -10.07
C VAL A 423 23.39 -7.85 -9.37
N CYS A 424 22.09 -8.08 -9.54
CA CYS A 424 21.50 -9.32 -9.05
C CYS A 424 21.93 -10.44 -9.99
N LEU A 425 21.60 -11.68 -9.64
CA LEU A 425 22.13 -12.80 -10.41
C LEU A 425 21.40 -13.01 -11.75
N HIS A 426 20.35 -12.24 -12.00
CA HIS A 426 19.69 -12.27 -13.32
C HIS A 426 20.41 -11.42 -14.33
N HIS A 427 21.25 -10.50 -13.86
CA HIS A 427 21.89 -9.54 -14.74
C HIS A 427 23.42 -9.51 -14.64
N VAL A 428 24.01 -10.69 -14.50
CA VAL A 428 25.47 -10.81 -14.49
C VAL A 428 26.15 -10.14 -15.69
N LYS A 429 25.54 -10.21 -16.87
CA LYS A 429 26.11 -9.58 -18.08
C LYS A 429 26.13 -8.05 -18.07
N GLU A 430 25.52 -7.41 -17.07
CA GLU A 430 25.30 -5.96 -17.14
C GLU A 430 26.18 -5.13 -16.22
N LEU A 431 27.11 -5.76 -15.54
CA LEU A 431 27.92 -5.05 -14.56
C LEU A 431 29.06 -4.24 -15.18
N CYS A 432 29.83 -4.86 -16.06
CA CYS A 432 30.99 -4.21 -16.70
C CYS A 432 31.56 -5.05 -17.84
N SER A 433 32.64 -4.59 -18.45
CA SER A 433 33.22 -5.25 -19.62
C SER A 433 34.26 -6.35 -19.31
N CYS A 434 34.70 -6.48 -18.06
CA CYS A 434 35.70 -7.46 -17.65
C CYS A 434 35.22 -8.91 -17.80
N PRO A 435 36.15 -9.86 -17.98
CA PRO A 435 35.79 -11.29 -17.99
C PRO A 435 35.28 -11.74 -16.63
N PRO A 436 34.28 -12.64 -16.63
CA PRO A 436 33.65 -13.15 -15.41
C PRO A 436 34.59 -13.71 -14.34
N TYR A 437 35.82 -14.12 -14.68
CA TYR A 437 36.69 -14.63 -13.61
C TYR A 437 37.18 -13.50 -12.70
N LYS A 438 36.99 -12.26 -13.11
CA LYS A 438 37.31 -11.12 -12.25
C LYS A 438 36.19 -10.77 -11.25
N TYR A 439 35.03 -11.43 -11.39
CA TYR A 439 33.87 -11.11 -10.55
C TYR A 439 33.88 -11.89 -9.24
N LYS A 440 33.12 -11.41 -8.26
CA LYS A 440 32.92 -12.14 -7.02
C LYS A 440 31.43 -12.34 -6.79
N LEU A 441 31.03 -13.55 -6.42
CA LEU A 441 29.70 -13.77 -5.88
C LEU A 441 29.64 -13.37 -4.39
N ARG A 442 28.83 -12.37 -4.05
CA ARG A 442 28.60 -12.02 -2.64
CA ARG A 442 28.61 -12.03 -2.65
C ARG A 442 27.29 -12.64 -2.19
N TYR A 443 27.34 -13.36 -1.06
CA TYR A 443 26.15 -14.10 -0.62
C TYR A 443 25.90 -13.93 0.87
N ARG A 444 24.63 -13.93 1.27
CA ARG A 444 24.33 -13.76 2.69
C ARG A 444 24.48 -15.08 3.46
N TYR A 445 23.99 -16.17 2.86
CA TYR A 445 23.96 -17.51 3.49
C TYR A 445 24.45 -18.58 2.52
N THR A 446 25.14 -19.61 3.02
CA THR A 446 25.34 -20.81 2.23
C THR A 446 24.03 -21.60 2.24
N LEU A 447 23.81 -22.44 1.24
CA LEU A 447 22.68 -23.37 1.28
C LEU A 447 22.62 -24.17 2.58
N ASP A 448 23.78 -24.55 3.11
CA ASP A 448 23.85 -25.28 4.37
C ASP A 448 23.43 -24.45 5.59
N ASP A 449 23.51 -23.13 5.52
CA ASP A 449 22.97 -22.27 6.58
C ASP A 449 21.43 -22.25 6.47
N LEU A 450 20.94 -22.31 5.24
CA LEU A 450 19.52 -22.08 4.97
C LEU A 450 18.62 -23.23 5.39
N TYR A 451 19.05 -24.47 5.16
CA TYR A 451 18.18 -25.62 5.49
C TYR A 451 17.85 -25.77 6.99
N PRO A 452 18.80 -25.51 7.91
CA PRO A 452 18.43 -25.48 9.33
C PRO A 452 17.46 -24.37 9.74
N MET A 453 17.51 -23.22 9.06
CA MET A 453 16.59 -22.11 9.34
C MET A 453 15.17 -22.56 8.98
N MET A 454 15.04 -23.20 7.83
CA MET A 454 13.74 -23.67 7.41
C MET A 454 13.24 -24.80 8.32
N ASN A 455 14.15 -25.61 8.85
N ASN A 455 14.17 -25.58 8.86
CA ASN A 455 13.78 -26.66 9.79
CA ASN A 455 13.81 -26.66 9.78
C ASN A 455 13.22 -26.15 11.12
C ASN A 455 13.26 -26.17 11.12
N ALA A 456 13.76 -25.03 11.60
CA ALA A 456 13.24 -24.43 12.83
C ALA A 456 11.79 -24.01 12.64
N LEU A 457 11.48 -23.47 11.45
CA LEU A 457 10.09 -23.10 11.11
C LEU A 457 9.18 -24.33 11.14
N LYS A 458 9.66 -25.43 10.56
CA LYS A 458 8.90 -26.68 10.51
C LYS A 458 8.58 -27.23 11.90
N LEU A 459 9.57 -27.20 12.80
CA LEU A 459 9.38 -27.57 14.20
C LEU A 459 8.36 -26.68 14.92
N ARG A 460 8.45 -25.37 14.73
CA ARG A 460 7.49 -24.45 15.34
C ARG A 460 6.07 -24.73 14.80
N ALA A 461 5.97 -24.96 13.51
CA ALA A 461 4.68 -25.23 12.88
C ALA A 461 4.12 -26.60 13.32
N GLU A 462 5.03 -27.49 13.73
CA GLU A 462 4.71 -28.87 14.14
C GLU A 462 4.10 -29.65 12.98
#